data_4HA8
#
_entry.id   4HA8
#
_cell.length_a   93.020
_cell.length_b   93.020
_cell.length_c   129.940
_cell.angle_alpha   90.00
_cell.angle_beta   90.00
_cell.angle_gamma   90.00
#
_symmetry.space_group_name_H-M   'P 42 21 2'
#
loop_
_entity.id
_entity.type
_entity.pdbx_description
1 polymer 'Biotin-[acetyl-CoA-carboxylase] ligase'
2 non-polymer (3aS,4S,6aR)-4-(hex-5-yn-1-yl)tetrahydro-1H-thieno[3,4-d]imidazol-2(3H)-one
3 water water
#
_entity_poly.entity_id   1
_entity_poly.type   'polypeptide(L)'
_entity_poly.pdbx_seq_one_letter_code
;HHHHHHSKYSQDVLQLLYKNKPNYISGQSIAESLNISRTAVKKVIDQLKLEGCKIDSVNHKGHLLQQLPDIWYQGIIDQY
TKSSALFDFSEVYDSIDSTQLAAKKSLVGNQSSFFILSDEQTKGRGRFNRHWSSSKGQGLWMSVVLRPNVAFSMISKFNL
FIALGIRDAIQHFSQDEVKVKWPNDIYIDNGKVCGFLTEMVANNDGIEAIICGIGINLTQQLENFDESIRHRATSIQLHD
KNKLDRYQFLERLLQEIEKRYNQFLTLPFSEIREEYNAASNIWNRTLLFTENDKQFKGQAIDLDYDGYLIVRDEAGESHR
LISADIDF
;
_entity_poly.pdbx_strand_id   A
#
loop_
_chem_comp.id
_chem_comp.type
_chem_comp.name
_chem_comp.formula
BC4 non-polymer (3aS,4S,6aR)-4-(hex-5-yn-1-yl)tetrahydro-1H-thieno[3,4-d]imidazol-2(3H)-one 'C11 H16 N2 O S'
#
# COMPACT_ATOMS: atom_id res chain seq x y z
N SER A 7 23.83 8.99 -10.92
CA SER A 7 24.62 10.09 -10.31
C SER A 7 23.79 10.91 -9.29
N LYS A 8 24.44 11.97 -8.80
CA LYS A 8 23.90 12.96 -7.90
C LYS A 8 22.55 13.53 -8.41
N TYR A 9 22.28 13.39 -9.71
CA TYR A 9 21.24 14.15 -10.42
C TYR A 9 20.15 13.33 -11.14
N SER A 10 20.33 12.03 -11.23
CA SER A 10 19.29 11.12 -11.69
C SER A 10 17.87 11.46 -11.25
N GLN A 11 17.63 11.64 -9.97
CA GLN A 11 16.30 11.93 -9.50
C GLN A 11 15.86 13.26 -10.04
N ASP A 12 16.79 14.22 -10.08
CA ASP A 12 16.49 15.56 -10.54
C ASP A 12 16.05 15.56 -11.97
N VAL A 13 16.73 14.78 -12.82
CA VAL A 13 16.42 14.73 -14.23
C VAL A 13 15.12 14.00 -14.39
N LEU A 14 14.97 12.88 -13.68
CA LEU A 14 13.70 12.14 -13.68
C LEU A 14 12.56 13.00 -13.27
N GLN A 15 12.78 13.78 -12.22
CA GLN A 15 11.73 14.64 -11.76
C GLN A 15 11.34 15.59 -12.87
N LEU A 16 12.32 16.14 -13.60
CA LEU A 16 12.00 17.09 -14.65
C LEU A 16 11.22 16.44 -15.79
N LEU A 17 11.59 15.22 -16.16
CA LEU A 17 10.90 14.53 -17.21
C LEU A 17 9.45 14.30 -16.80
N TYR A 18 9.21 13.82 -15.58
CA TYR A 18 7.85 13.52 -15.13
C TYR A 18 7.05 14.80 -15.05
N LYS A 19 7.62 15.82 -14.43
CA LYS A 19 7.00 17.11 -14.36
C LYS A 19 6.52 17.64 -15.73
N ASN A 20 7.16 17.22 -16.82
CA ASN A 20 7.02 17.93 -18.13
C ASN A 20 6.09 17.25 -19.12
N LYS A 21 5.78 16.00 -18.83
CA LYS A 21 4.75 15.23 -19.50
C LYS A 21 3.46 16.04 -19.73
N PRO A 22 2.85 15.92 -20.90
CA PRO A 22 3.19 15.07 -22.05
C PRO A 22 4.03 15.75 -23.16
N ASN A 23 4.67 16.89 -22.87
CA ASN A 23 5.67 17.53 -23.76
C ASN A 23 7.07 16.99 -23.57
N TYR A 24 7.91 17.16 -24.61
CA TYR A 24 9.33 16.87 -24.55
C TYR A 24 10.10 18.03 -24.02
N ILE A 25 11.20 17.74 -23.31
CA ILE A 25 12.18 18.77 -22.96
C ILE A 25 13.56 18.38 -23.48
N SER A 26 14.32 19.38 -23.91
CA SER A 26 15.66 19.14 -24.45
C SER A 26 16.67 18.94 -23.33
N GLY A 27 17.73 18.26 -23.66
CA GLY A 27 18.90 18.22 -22.81
C GLY A 27 19.28 19.61 -22.36
N GLN A 28 19.28 20.54 -23.30
CA GLN A 28 19.79 21.84 -23.00
C GLN A 28 19.01 22.37 -21.85
N SER A 29 17.73 22.11 -21.88
CA SER A 29 16.82 22.71 -20.94
C SER A 29 17.00 22.10 -19.57
N ILE A 30 17.26 20.80 -19.56
CA ILE A 30 17.53 20.13 -18.30
C ILE A 30 18.86 20.64 -17.74
N ALA A 31 19.85 20.71 -18.64
CA ALA A 31 21.17 21.18 -18.31
C ALA A 31 21.16 22.50 -17.63
N GLU A 32 20.31 23.42 -18.10
CA GLU A 32 20.15 24.73 -17.42
C GLU A 32 19.42 24.68 -16.11
N SER A 33 18.40 23.84 -15.98
CA SER A 33 17.67 23.70 -14.70
C SER A 33 18.62 23.28 -13.61
N LEU A 34 19.48 22.32 -13.94
CA LEU A 34 20.34 21.68 -12.96
C LEU A 34 21.73 22.30 -12.86
N ASN A 35 21.98 23.27 -13.73
CA ASN A 35 23.27 23.87 -13.88
C ASN A 35 24.35 22.81 -14.05
N ILE A 36 24.11 21.89 -14.98
CA ILE A 36 25.09 20.87 -15.28
C ILE A 36 25.21 20.74 -16.79
N SER A 37 26.29 20.13 -17.24
CA SER A 37 26.59 20.06 -18.66
C SER A 37 25.60 19.20 -19.41
N ARG A 38 25.45 19.54 -20.67
CA ARG A 38 24.61 18.83 -21.56
C ARG A 38 25.00 17.40 -21.63
N THR A 39 26.29 17.15 -21.50
CA THR A 39 26.78 15.82 -21.78
C THR A 39 26.58 14.97 -20.52
N ALA A 40 26.61 15.61 -19.36
CA ALA A 40 26.25 14.93 -18.14
C ALA A 40 24.77 14.52 -18.15
N VAL A 41 23.94 15.43 -18.63
CA VAL A 41 22.52 15.11 -18.82
C VAL A 41 22.36 13.90 -19.72
N LYS A 42 23.23 13.77 -20.71
CA LYS A 42 23.08 12.70 -21.67
C LYS A 42 23.47 11.40 -20.95
N LYS A 43 24.56 11.41 -20.18
CA LYS A 43 24.97 10.19 -19.41
C LYS A 43 23.88 9.76 -18.40
N VAL A 44 23.29 10.72 -17.71
CA VAL A 44 22.20 10.41 -16.79
C VAL A 44 20.98 9.87 -17.54
N ILE A 45 20.64 10.48 -18.67
CA ILE A 45 19.61 9.85 -19.47
C ILE A 45 19.95 8.42 -19.94
N ASP A 46 21.16 8.16 -20.41
CA ASP A 46 21.49 6.77 -20.74
C ASP A 46 21.32 5.83 -19.54
N GLN A 47 21.69 6.29 -18.34
CA GLN A 47 21.57 5.45 -17.15
C GLN A 47 20.10 5.10 -16.85
N LEU A 48 19.24 6.12 -16.90
CA LEU A 48 17.82 5.86 -16.69
C LEU A 48 17.23 4.85 -17.67
N LYS A 49 17.77 4.83 -18.89
CA LYS A 49 17.28 3.91 -19.91
C LYS A 49 17.84 2.55 -19.51
N LEU A 50 19.10 2.51 -19.11
CA LEU A 50 19.66 1.24 -18.69
C LEU A 50 18.84 0.64 -17.58
N GLU A 51 18.54 1.44 -16.56
CA GLU A 51 17.68 0.95 -15.48
C GLU A 51 16.28 0.55 -15.93
N GLY A 52 15.98 0.71 -17.20
CA GLY A 52 14.62 0.39 -17.66
C GLY A 52 13.63 1.54 -17.72
N CYS A 53 14.05 2.78 -17.54
CA CYS A 53 13.11 3.87 -17.91
C CYS A 53 12.90 3.91 -19.41
N LYS A 54 11.64 4.07 -19.80
CA LYS A 54 11.31 4.22 -21.21
C LYS A 54 11.19 5.71 -21.57
N ILE A 55 12.25 6.23 -22.19
CA ILE A 55 12.33 7.65 -22.54
C ILE A 55 12.53 7.81 -24.03
N ASP A 56 11.62 8.49 -24.70
CA ASP A 56 11.76 8.72 -26.15
C ASP A 56 12.67 9.94 -26.32
N SER A 57 13.70 9.79 -27.11
CA SER A 57 14.62 10.86 -27.33
C SER A 57 14.60 11.21 -28.81
N VAL A 58 14.23 12.45 -29.13
CA VAL A 58 14.17 12.93 -30.49
C VAL A 58 15.07 14.17 -30.63
N ASN A 59 16.01 14.12 -31.57
CA ASN A 59 16.80 15.31 -31.95
C ASN A 59 15.98 16.58 -32.04
N HIS A 60 16.59 17.66 -31.61
CA HIS A 60 16.01 18.97 -31.57
C HIS A 60 14.96 19.20 -30.54
N LYS A 61 14.18 18.17 -30.26
CA LYS A 61 12.97 18.30 -29.50
C LYS A 61 13.22 17.90 -28.02
N GLY A 62 13.78 16.72 -27.80
CA GLY A 62 14.22 16.41 -26.48
C GLY A 62 13.70 15.05 -26.05
N HIS A 63 13.34 14.93 -24.77
CA HIS A 63 13.14 13.61 -24.16
C HIS A 63 11.76 13.59 -23.57
N LEU A 64 11.15 12.44 -23.64
CA LEU A 64 9.83 12.32 -23.06
C LEU A 64 9.80 11.02 -22.29
N LEU A 65 9.47 11.14 -21.01
CA LEU A 65 9.34 9.99 -20.12
C LEU A 65 8.06 9.23 -20.51
N GLN A 66 8.23 8.00 -20.96
CA GLN A 66 7.08 7.24 -21.40
C GLN A 66 6.61 6.23 -20.36
N GLN A 67 7.55 5.54 -19.74
CA GLN A 67 7.18 4.49 -18.82
C GLN A 67 8.29 4.24 -17.78
N LEU A 68 7.94 4.33 -16.50
CA LEU A 68 8.85 3.99 -15.37
C LEU A 68 8.98 2.48 -15.19
N PRO A 69 10.15 2.01 -14.74
CA PRO A 69 10.26 0.57 -14.48
C PRO A 69 9.67 0.21 -13.08
N ASP A 70 9.81 -1.04 -12.65
CA ASP A 70 9.31 -1.43 -11.31
C ASP A 70 10.30 -1.12 -10.18
N ILE A 71 10.58 0.16 -10.04
CA ILE A 71 11.52 0.66 -9.07
C ILE A 71 10.92 1.96 -8.62
N TRP A 72 11.05 2.22 -7.34
CA TRP A 72 10.56 3.45 -6.81
C TRP A 72 11.66 4.51 -6.87
N TYR A 73 11.28 5.75 -7.22
CA TYR A 73 12.26 6.80 -7.34
C TYR A 73 11.81 7.95 -6.49
N GLN A 74 12.67 8.36 -5.57
CA GLN A 74 12.33 9.45 -4.72
C GLN A 74 11.89 10.59 -5.60
N GLY A 75 12.58 10.70 -6.72
CA GLY A 75 12.38 11.79 -7.65
C GLY A 75 10.92 11.93 -8.02
N ILE A 76 10.31 10.83 -8.43
CA ILE A 76 8.93 10.84 -8.76
C ILE A 76 8.00 10.88 -7.56
N ILE A 77 8.31 10.10 -6.53
CA ILE A 77 7.45 10.13 -5.40
C ILE A 77 7.34 11.55 -4.83
N ASP A 78 8.43 12.33 -4.86
CA ASP A 78 8.32 13.74 -4.42
C ASP A 78 7.19 14.55 -5.09
N GLN A 79 6.84 14.20 -6.33
CA GLN A 79 5.73 14.89 -7.03
C GLN A 79 4.39 14.55 -6.43
N TYR A 80 4.28 13.30 -5.98
CA TYR A 80 3.05 12.83 -5.36
C TYR A 80 2.88 13.47 -4.01
N THR A 81 3.97 13.71 -3.32
CA THR A 81 3.84 14.43 -2.05
C THR A 81 3.65 15.98 -2.20
N LYS A 82 4.30 16.59 -3.21
CA LYS A 82 4.18 18.06 -3.45
C LYS A 82 2.73 18.38 -3.66
N SER A 83 2.05 17.57 -4.46
CA SER A 83 0.68 17.91 -4.78
C SER A 83 -0.36 17.39 -3.78
N SER A 84 0.09 16.71 -2.71
CA SER A 84 -0.82 16.04 -1.76
C SER A 84 -1.30 16.89 -0.59
N ALA A 85 -2.55 16.73 -0.20
CA ALA A 85 -3.13 17.44 0.97
C ALA A 85 -2.95 16.71 2.30
N LEU A 86 -2.74 15.39 2.23
CA LEU A 86 -2.57 14.58 3.41
C LEU A 86 -1.11 14.49 3.87
N PHE A 87 -0.18 14.30 2.94
CA PHE A 87 1.17 13.86 3.25
C PHE A 87 2.23 14.93 3.07
N ASP A 88 2.98 15.18 4.16
CA ASP A 88 4.14 16.05 4.16
C ASP A 88 5.37 15.63 3.31
N PHE A 89 5.68 14.36 3.21
CA PHE A 89 6.87 13.92 2.48
C PHE A 89 6.78 12.44 2.43
N SER A 90 7.71 11.82 1.74
CA SER A 90 7.74 10.42 1.70
C SER A 90 9.20 10.11 1.79
N GLU A 91 9.55 8.84 2.03
CA GLU A 91 10.91 8.39 1.98
C GLU A 91 10.86 7.14 1.15
N VAL A 92 11.78 6.96 0.22
CA VAL A 92 11.77 5.84 -0.69
C VAL A 92 13.12 5.14 -0.63
N TYR A 93 13.13 3.81 -0.60
CA TYR A 93 14.31 3.02 -0.34
C TYR A 93 14.30 1.89 -1.33
N ASP A 94 15.48 1.36 -1.61
CA ASP A 94 15.53 0.28 -2.51
C ASP A 94 15.37 -0.98 -1.66
N SER A 95 16.00 -1.02 -0.48
CA SER A 95 15.91 -2.19 0.36
C SER A 95 16.12 -1.78 1.78
N ILE A 96 15.28 -2.25 2.69
CA ILE A 96 15.35 -1.84 4.08
C ILE A 96 14.87 -3.01 4.95
N ASP A 97 15.06 -2.93 6.25
CA ASP A 97 14.56 -4.05 7.08
C ASP A 97 13.03 -4.08 6.95
N SER A 98 12.37 -2.94 7.18
CA SER A 98 10.94 -2.88 7.12
C SER A 98 10.44 -1.44 7.11
N THR A 99 9.52 -1.14 6.22
CA THR A 99 8.98 0.22 6.17
C THR A 99 8.25 0.55 7.47
N GLN A 100 7.74 -0.48 8.12
CA GLN A 100 7.07 -0.32 9.41
C GLN A 100 8.07 0.10 10.48
N LEU A 101 9.24 -0.51 10.50
CA LEU A 101 10.26 -0.10 11.49
C LEU A 101 10.72 1.32 11.20
N ALA A 102 10.94 1.63 9.92
CA ALA A 102 11.33 2.96 9.57
C ALA A 102 10.27 3.97 10.07
N ALA A 103 9.01 3.73 9.71
CA ALA A 103 7.97 4.68 10.06
C ALA A 103 7.87 4.89 11.57
N LYS A 104 7.95 3.80 12.32
CA LYS A 104 7.85 3.96 13.75
C LYS A 104 8.98 4.79 14.35
N LYS A 105 10.17 4.72 13.73
CA LYS A 105 11.32 5.57 14.09
C LYS A 105 11.08 6.99 13.57
N SER A 106 10.80 7.14 12.28
CA SER A 106 10.68 8.46 11.69
C SER A 106 9.57 9.31 12.25
N LEU A 107 8.56 8.72 12.90
CA LEU A 107 7.43 9.52 13.39
C LEU A 107 7.84 10.16 14.70
N VAL A 108 8.80 9.58 15.41
CA VAL A 108 9.11 10.11 16.72
C VAL A 108 9.56 11.56 16.64
N GLY A 109 8.93 12.38 17.47
CA GLY A 109 9.39 13.70 17.75
C GLY A 109 8.84 14.76 16.86
N ASN A 110 7.89 14.38 16.01
CA ASN A 110 7.28 15.30 15.05
C ASN A 110 5.80 15.02 14.86
N GLN A 111 5.12 15.82 14.05
CA GLN A 111 3.71 15.57 13.78
C GLN A 111 3.49 15.48 12.28
N SER A 112 4.55 15.25 11.53
CA SER A 112 4.46 14.98 10.12
C SER A 112 3.55 13.80 9.81
N SER A 113 2.90 13.87 8.64
CA SER A 113 2.26 12.73 8.01
C SER A 113 3.09 12.42 6.81
N PHE A 114 3.27 11.14 6.51
CA PHE A 114 4.26 10.75 5.54
C PHE A 114 4.05 9.31 5.23
N PHE A 115 4.69 8.79 4.20
CA PHE A 115 4.68 7.35 4.01
C PHE A 115 6.06 6.87 3.56
N ILE A 116 6.34 5.58 3.72
CA ILE A 116 7.63 5.06 3.36
C ILE A 116 7.44 3.92 2.41
N LEU A 117 8.13 3.94 1.27
CA LEU A 117 8.08 2.84 0.32
C LEU A 117 9.42 2.23 0.17
N SER A 118 9.50 0.94 -0.06
CA SER A 118 10.80 0.33 -0.34
C SER A 118 10.62 -0.80 -1.31
N ASP A 119 11.55 -0.95 -2.24
CA ASP A 119 11.40 -1.99 -3.30
C ASP A 119 11.43 -3.35 -2.69
N GLU A 120 12.21 -3.48 -1.63
CA GLU A 120 12.32 -4.74 -0.98
C GLU A 120 12.42 -4.51 0.54
N GLN A 121 12.00 -5.50 1.32
CA GLN A 121 12.23 -5.49 2.78
C GLN A 121 12.94 -6.77 3.16
N THR A 122 13.92 -6.69 4.04
CA THR A 122 14.65 -7.88 4.40
C THR A 122 14.03 -8.48 5.63
N LYS A 123 13.25 -7.66 6.35
CA LYS A 123 12.58 -8.15 7.56
C LYS A 123 11.11 -7.75 7.63
N GLY A 124 10.41 -8.03 6.55
CA GLY A 124 8.99 -7.64 6.52
C GLY A 124 8.18 -8.49 7.48
N ARG A 125 7.32 -7.84 8.24
CA ARG A 125 6.52 -8.51 9.26
C ARG A 125 5.07 -8.11 9.15
N GLY A 126 4.19 -9.08 9.32
CA GLY A 126 2.76 -8.80 9.47
C GLY A 126 2.34 -8.95 10.94
N ARG A 127 1.10 -9.37 11.14
CA ARG A 127 0.55 -9.48 12.48
C ARG A 127 1.22 -10.62 13.13
N PHE A 128 1.35 -10.51 14.45
CA PHE A 128 2.00 -11.49 15.26
C PHE A 128 3.43 -11.75 14.88
N ASN A 129 4.13 -10.73 14.35
CA ASN A 129 5.54 -10.87 13.95
C ASN A 129 5.73 -11.95 12.86
N ARG A 130 4.70 -12.23 12.09
CA ARG A 130 4.85 -13.21 11.05
C ARG A 130 5.61 -12.68 9.85
N HIS A 131 6.32 -13.59 9.20
CA HIS A 131 7.17 -13.20 8.15
C HIS A 131 6.34 -12.73 6.95
N TRP A 132 6.59 -11.55 6.42
CA TRP A 132 5.96 -11.18 5.16
C TRP A 132 7.06 -11.02 4.13
N SER A 133 6.84 -11.74 3.04
CA SER A 133 7.73 -11.80 1.91
C SER A 133 7.61 -10.46 1.15
N SER A 134 8.73 -9.75 1.01
CA SER A 134 8.71 -8.46 0.35
C SER A 134 9.76 -8.36 -0.78
N SER A 135 9.72 -9.29 -1.73
CA SER A 135 10.67 -9.35 -2.85
C SER A 135 10.83 -8.06 -3.68
N LYS A 136 12.08 -7.80 -4.04
CA LYS A 136 12.40 -6.66 -4.89
C LYS A 136 11.63 -6.77 -6.20
N GLY A 137 10.97 -5.69 -6.58
CA GLY A 137 10.41 -5.63 -7.91
C GLY A 137 8.97 -6.03 -8.01
N GLN A 138 8.34 -6.48 -6.91
CA GLN A 138 7.10 -7.26 -7.07
C GLN A 138 5.89 -6.85 -6.27
N GLY A 139 6.13 -6.05 -5.24
CA GLY A 139 5.03 -5.54 -4.47
C GLY A 139 5.25 -4.15 -3.98
N LEU A 140 4.17 -3.55 -3.49
CA LEU A 140 4.18 -2.24 -2.94
C LEU A 140 4.33 -2.54 -1.48
N TRP A 141 5.45 -2.14 -0.89
CA TRP A 141 5.65 -2.34 0.53
C TRP A 141 5.75 -0.97 1.15
N MET A 142 4.69 -0.58 1.83
CA MET A 142 4.51 0.79 2.21
C MET A 142 4.06 0.85 3.68
N SER A 143 4.44 1.94 4.37
CA SER A 143 3.90 2.24 5.64
C SER A 143 3.44 3.69 5.63
N VAL A 144 2.28 3.98 6.18
CA VAL A 144 1.65 5.25 6.08
C VAL A 144 1.47 5.74 7.47
N VAL A 145 1.94 6.94 7.78
CA VAL A 145 1.76 7.51 9.12
C VAL A 145 0.84 8.70 9.05
N LEU A 146 -0.28 8.65 9.75
CA LEU A 146 -1.21 9.73 9.71
C LEU A 146 -1.42 10.24 11.11
N ARG A 147 -2.12 11.38 11.25
CA ARG A 147 -2.21 12.07 12.51
C ARG A 147 -3.61 12.47 12.92
N PRO A 148 -4.48 11.48 13.04
CA PRO A 148 -5.87 11.67 13.44
C PRO A 148 -6.00 12.06 14.90
N ASN A 149 -6.89 12.99 15.17
CA ASN A 149 -6.99 13.62 16.47
C ASN A 149 -8.10 12.95 17.19
N VAL A 150 -7.87 11.75 17.70
CA VAL A 150 -8.97 10.90 18.15
C VAL A 150 -8.49 10.01 19.27
N ALA A 151 -9.43 9.31 19.93
CA ALA A 151 -9.12 8.45 21.09
C ALA A 151 -8.46 7.16 20.61
N PHE A 152 -7.75 6.48 21.49
CA PHE A 152 -6.98 5.37 20.99
C PHE A 152 -7.86 4.20 20.59
N SER A 153 -9.09 4.17 21.06
CA SER A 153 -9.96 3.03 20.79
C SER A 153 -10.42 3.10 19.37
N MET A 154 -10.18 4.24 18.70
CA MET A 154 -10.60 4.40 17.31
C MET A 154 -9.70 3.70 16.35
N ILE A 155 -8.68 3.01 16.84
CA ILE A 155 -7.79 2.34 15.96
C ILE A 155 -8.59 1.34 15.13
N SER A 156 -9.50 0.61 15.76
CA SER A 156 -10.18 -0.48 15.05
C SER A 156 -11.05 0.08 13.99
N LYS A 157 -11.69 1.18 14.31
CA LYS A 157 -12.42 1.90 13.29
C LYS A 157 -11.53 2.28 12.10
N PHE A 158 -10.31 2.77 12.35
CA PHE A 158 -9.43 3.21 11.25
C PHE A 158 -9.21 2.03 10.33
N ASN A 159 -8.96 0.93 10.98
CA ASN A 159 -8.64 -0.28 10.32
C ASN A 159 -9.68 -0.85 9.38
N LEU A 160 -10.94 -0.51 9.64
CA LEU A 160 -12.05 -0.91 8.77
C LEU A 160 -12.21 0.02 7.61
N PHE A 161 -12.05 1.33 7.83
CA PHE A 161 -12.14 2.23 6.70
C PHE A 161 -11.02 2.05 5.74
N ILE A 162 -9.80 1.91 6.25
CA ILE A 162 -8.66 1.81 5.39
C ILE A 162 -8.79 0.56 4.48
N ALA A 163 -9.37 -0.52 5.03
CA ALA A 163 -9.56 -1.79 4.27
C ALA A 163 -10.28 -1.51 2.97
N LEU A 164 -11.40 -0.78 3.09
CA LEU A 164 -12.18 -0.53 1.90
C LEU A 164 -11.41 0.36 0.95
N GLY A 165 -10.59 1.28 1.46
CA GLY A 165 -9.71 2.08 0.57
C GLY A 165 -8.81 1.13 -0.14
N ILE A 166 -8.15 0.23 0.57
CA ILE A 166 -7.18 -0.63 -0.12
C ILE A 166 -7.87 -1.50 -1.16
N ARG A 167 -9.04 -2.04 -0.78
CA ARG A 167 -9.77 -2.93 -1.64
C ARG A 167 -10.15 -2.19 -2.90
N ASP A 168 -10.66 -0.96 -2.75
CA ASP A 168 -11.07 -0.15 -3.92
C ASP A 168 -9.93 0.08 -4.93
N ALA A 169 -8.76 0.53 -4.46
CA ALA A 169 -7.60 0.62 -5.35
C ALA A 169 -7.26 -0.67 -6.02
N ILE A 170 -7.25 -1.79 -5.32
CA ILE A 170 -6.91 -3.05 -6.01
C ILE A 170 -7.99 -3.38 -7.05
N GLN A 171 -9.27 -3.22 -6.68
CA GLN A 171 -10.35 -3.46 -7.62
C GLN A 171 -10.17 -2.73 -8.95
N HIS A 172 -9.82 -1.45 -8.86
CA HIS A 172 -9.76 -0.63 -10.05
C HIS A 172 -8.87 -1.26 -11.08
N PHE A 173 -8.07 -2.25 -10.68
CA PHE A 173 -7.09 -2.85 -11.58
C PHE A 173 -7.33 -4.30 -11.83
N SER A 174 -8.20 -4.93 -11.07
CA SER A 174 -8.39 -6.32 -11.32
C SER A 174 -9.75 -6.52 -11.95
N GLN A 175 -9.78 -7.38 -12.97
CA GLN A 175 -11.01 -7.77 -13.66
C GLN A 175 -11.85 -8.71 -12.79
N ASP A 176 -11.19 -9.35 -11.82
CA ASP A 176 -11.80 -10.23 -10.85
C ASP A 176 -12.26 -9.53 -9.56
N GLU A 177 -13.06 -10.25 -8.80
CA GLU A 177 -13.68 -9.64 -7.64
C GLU A 177 -12.69 -9.58 -6.43
N VAL A 178 -12.56 -8.41 -5.84
CA VAL A 178 -11.62 -8.24 -4.73
C VAL A 178 -12.40 -8.11 -3.44
N LYS A 179 -12.08 -8.95 -2.46
CA LYS A 179 -12.80 -8.98 -1.18
C LYS A 179 -11.90 -8.77 0.04
N VAL A 180 -12.43 -8.16 1.07
CA VAL A 180 -11.71 -8.01 2.30
C VAL A 180 -11.91 -9.23 3.19
N LYS A 181 -10.84 -9.75 3.77
CA LYS A 181 -10.96 -10.70 4.82
C LYS A 181 -10.67 -10.06 6.17
N TRP A 182 -11.71 -9.69 6.87
CA TRP A 182 -11.61 -8.99 8.13
C TRP A 182 -10.63 -9.70 9.05
N PRO A 183 -9.80 -8.97 9.80
CA PRO A 183 -9.85 -7.51 9.75
C PRO A 183 -8.69 -6.91 8.98
N ASN A 184 -7.88 -7.73 8.30
CA ASN A 184 -6.59 -7.27 7.80
C ASN A 184 -6.10 -7.87 6.51
N ASP A 185 -6.93 -8.49 5.69
CA ASP A 185 -6.35 -9.07 4.49
C ASP A 185 -7.26 -8.86 3.28
N ILE A 186 -6.70 -8.85 2.06
CA ILE A 186 -7.49 -8.61 0.87
C ILE A 186 -7.25 -9.76 -0.08
N TYR A 187 -8.32 -10.20 -0.74
CA TYR A 187 -8.21 -11.41 -1.54
C TYR A 187 -8.81 -11.20 -2.89
N ILE A 188 -8.27 -11.92 -3.84
CA ILE A 188 -8.89 -12.06 -5.12
C ILE A 188 -9.05 -13.57 -5.26
N ASP A 189 -10.33 -13.99 -5.34
CA ASP A 189 -10.72 -15.40 -5.20
C ASP A 189 -10.04 -15.97 -3.97
N ASN A 190 -9.26 -17.02 -4.14
CA ASN A 190 -8.58 -17.65 -3.01
C ASN A 190 -7.19 -17.11 -2.73
N GLY A 191 -6.75 -16.11 -3.49
CA GLY A 191 -5.41 -15.61 -3.28
C GLY A 191 -5.37 -14.34 -2.45
N LYS A 192 -4.58 -14.37 -1.37
CA LYS A 192 -4.28 -13.14 -0.59
C LYS A 192 -3.42 -12.24 -1.48
N VAL A 193 -3.83 -11.02 -1.73
CA VAL A 193 -3.12 -10.16 -2.63
C VAL A 193 -2.53 -9.02 -1.79
N CYS A 194 -3.03 -8.87 -0.58
CA CYS A 194 -2.58 -7.81 0.30
C CYS A 194 -2.79 -8.19 1.73
N GLY A 195 -1.83 -7.76 2.56
CA GLY A 195 -2.01 -7.77 4.00
C GLY A 195 -1.79 -6.34 4.48
N PHE A 196 -2.51 -5.92 5.48
CA PHE A 196 -2.18 -4.65 6.09
C PHE A 196 -2.34 -4.77 7.60
N LEU A 197 -1.90 -3.73 8.29
CA LEU A 197 -1.69 -3.81 9.70
C LEU A 197 -1.78 -2.37 10.15
N THR A 198 -2.72 -2.03 11.00
CA THR A 198 -2.76 -0.73 11.60
C THR A 198 -2.18 -0.73 13.00
N GLU A 199 -1.18 0.09 13.24
CA GLU A 199 -0.65 0.23 14.58
C GLU A 199 -0.77 1.67 15.04
N MET A 200 -0.67 1.90 16.33
CA MET A 200 -0.74 3.24 16.78
C MET A 200 0.30 3.53 17.84
N VAL A 201 0.66 4.79 17.99
CA VAL A 201 1.34 5.22 19.19
C VAL A 201 0.35 6.10 19.91
N ALA A 202 0.14 5.86 21.19
CA ALA A 202 -0.98 6.50 21.85
C ALA A 202 -0.80 6.61 23.32
N ASN A 203 -1.54 7.53 23.93
CA ASN A 203 -1.66 7.54 25.37
C ASN A 203 -3.14 7.71 25.67
N ASN A 204 -3.52 7.78 26.94
CA ASN A 204 -4.90 7.97 27.37
C ASN A 204 -5.59 9.17 26.73
N ASP A 205 -4.83 10.18 26.33
CA ASP A 205 -5.40 11.40 25.81
C ASP A 205 -5.55 11.33 24.32
N GLY A 206 -5.06 10.27 23.68
CA GLY A 206 -5.36 10.09 22.29
C GLY A 206 -4.20 9.53 21.55
N ILE A 207 -4.37 9.46 20.23
CA ILE A 207 -3.43 8.89 19.34
C ILE A 207 -2.38 9.94 18.95
N GLU A 208 -1.09 9.57 19.08
CA GLU A 208 0.02 10.36 18.60
C GLU A 208 0.27 10.07 17.13
N ALA A 209 0.08 8.83 16.72
CA ALA A 209 0.27 8.47 15.30
C ALA A 209 -0.42 7.16 14.96
N ILE A 210 -0.96 7.07 13.75
CA ILE A 210 -1.38 5.81 13.20
C ILE A 210 -0.30 5.41 12.24
N ILE A 211 0.11 4.15 12.25
CA ILE A 211 1.02 3.66 11.26
C ILE A 211 0.38 2.51 10.61
N CYS A 212 0.08 2.65 9.35
CA CYS A 212 -0.55 1.61 8.64
C CYS A 212 0.42 1.00 7.68
N GLY A 213 0.85 -0.24 7.95
CA GLY A 213 1.68 -0.99 7.01
C GLY A 213 0.78 -1.77 6.07
N ILE A 214 1.04 -1.63 4.76
CA ILE A 214 0.25 -2.18 3.65
C ILE A 214 1.20 -2.92 2.72
N GLY A 215 0.98 -4.22 2.51
CA GLY A 215 1.80 -4.98 1.59
C GLY A 215 0.91 -5.55 0.50
N ILE A 216 1.24 -5.27 -0.75
CA ILE A 216 0.36 -5.67 -1.84
C ILE A 216 1.17 -6.30 -2.92
N ASN A 217 0.80 -7.51 -3.30
CA ASN A 217 1.51 -8.16 -4.35
C ASN A 217 1.11 -7.58 -5.70
N LEU A 218 2.08 -7.01 -6.43
CA LEU A 218 1.77 -6.33 -7.66
C LEU A 218 2.00 -7.25 -8.85
N THR A 219 3.17 -7.80 -9.02
CA THR A 219 3.49 -8.42 -10.32
C THR A 219 3.99 -9.86 -10.26
N GLN A 220 3.86 -10.54 -9.13
CA GLN A 220 4.33 -11.92 -9.07
C GLN A 220 3.59 -12.76 -10.12
N GLN A 221 4.33 -13.65 -10.77
CA GLN A 221 3.71 -14.72 -11.52
C GLN A 221 3.65 -15.84 -10.47
N LEU A 222 2.88 -16.89 -10.72
CA LEU A 222 2.72 -17.91 -9.70
C LEU A 222 4.04 -18.53 -9.41
N GLU A 223 4.84 -18.75 -10.47
CA GLU A 223 6.20 -19.25 -10.36
C GLU A 223 6.92 -18.56 -9.18
N ASN A 224 6.55 -17.31 -8.89
CA ASN A 224 7.31 -16.47 -7.97
C ASN A 224 7.02 -16.71 -6.50
N PHE A 225 5.92 -17.42 -6.24
CA PHE A 225 5.48 -17.67 -4.88
C PHE A 225 6.08 -18.95 -4.31
N ASP A 226 6.75 -18.81 -3.15
CA ASP A 226 7.10 -19.92 -2.28
C ASP A 226 6.15 -21.11 -2.61
N GLU A 227 6.64 -22.32 -2.49
CA GLU A 227 5.90 -23.45 -3.07
C GLU A 227 4.63 -23.81 -2.26
N SER A 228 4.77 -23.84 -0.94
CA SER A 228 3.69 -24.18 -0.03
C SER A 228 2.47 -23.25 -0.21
N ILE A 229 2.69 -21.93 -0.22
CA ILE A 229 1.61 -20.92 -0.29
C ILE A 229 0.97 -20.69 -1.67
N ARG A 230 1.49 -21.36 -2.70
CA ARG A 230 1.11 -21.05 -4.10
C ARG A 230 -0.41 -21.02 -4.34
N HIS A 231 -1.13 -21.94 -3.73
CA HIS A 231 -2.58 -22.06 -3.92
C HIS A 231 -3.40 -20.94 -3.24
N ARG A 232 -2.85 -20.30 -2.22
CA ARG A 232 -3.60 -19.24 -1.52
C ARG A 232 -3.03 -17.80 -1.69
N ALA A 233 -2.22 -17.59 -2.72
CA ALA A 233 -1.57 -16.30 -2.93
C ALA A 233 -1.79 -15.74 -4.33
N THR A 234 -1.74 -14.43 -4.50
CA THR A 234 -1.91 -13.92 -5.85
C THR A 234 -1.38 -12.50 -5.96
N SER A 235 -1.40 -11.94 -7.16
CA SER A 235 -0.89 -10.62 -7.38
C SER A 235 -1.88 -9.84 -8.18
N ILE A 236 -1.91 -8.52 -8.09
CA ILE A 236 -2.78 -7.79 -8.96
C ILE A 236 -2.52 -8.16 -10.46
N GLN A 237 -1.25 -8.31 -10.89
CA GLN A 237 -0.94 -8.65 -12.28
C GLN A 237 -1.77 -9.80 -12.79
N LEU A 238 -1.89 -10.86 -11.99
CA LEU A 238 -2.51 -12.12 -12.42
C LEU A 238 -4.03 -11.99 -12.62
N HIS A 239 -4.56 -10.80 -12.38
CA HIS A 239 -5.94 -10.53 -12.63
C HIS A 239 -6.11 -9.19 -13.38
N ASP A 240 -5.11 -8.78 -14.17
CA ASP A 240 -5.19 -7.55 -14.99
C ASP A 240 -4.68 -7.83 -16.41
N LYS A 241 -5.49 -7.54 -17.44
CA LYS A 241 -5.06 -7.83 -18.85
C LYS A 241 -3.85 -7.00 -19.34
N ASN A 242 -3.85 -5.72 -18.96
CA ASN A 242 -2.77 -4.78 -19.19
C ASN A 242 -1.60 -4.95 -18.21
N LYS A 243 -0.40 -4.51 -18.61
CA LYS A 243 0.72 -4.34 -17.65
C LYS A 243 0.20 -3.54 -16.47
N LEU A 244 0.48 -4.02 -15.28
CA LEU A 244 0.18 -3.20 -14.13
C LEU A 244 1.33 -2.18 -13.88
N ASP A 245 0.97 -0.90 -13.79
CA ASP A 245 1.96 0.12 -13.61
C ASP A 245 1.99 0.61 -12.16
N ARG A 246 3.10 0.31 -11.45
CA ARG A 246 3.12 0.57 -10.01
C ARG A 246 2.82 2.02 -9.61
N TYR A 247 3.21 2.96 -10.47
CA TYR A 247 3.06 4.37 -10.13
C TYR A 247 1.62 4.69 -10.32
N GLN A 248 1.03 4.06 -11.30
CA GLN A 248 -0.36 4.35 -11.56
C GLN A 248 -1.18 3.84 -10.37
N PHE A 249 -0.83 2.63 -9.92
CA PHE A 249 -1.44 2.06 -8.74
C PHE A 249 -1.19 2.86 -7.47
N LEU A 250 0.06 3.16 -7.18
CA LEU A 250 0.31 3.99 -6.03
C LEU A 250 -0.62 5.21 -6.04
N GLU A 251 -0.81 5.81 -7.22
CA GLU A 251 -1.57 7.06 -7.32
C GLU A 251 -3.00 6.81 -6.86
N ARG A 252 -3.57 5.73 -7.37
CA ARG A 252 -4.88 5.29 -6.98
C ARG A 252 -4.99 4.91 -5.49
N LEU A 253 -4.04 4.12 -5.01
CA LEU A 253 -3.99 3.78 -3.61
C LEU A 253 -3.96 5.03 -2.70
N LEU A 254 -3.07 5.97 -2.99
CA LEU A 254 -3.00 7.20 -2.18
C LEU A 254 -4.30 7.93 -2.19
N GLN A 255 -4.90 8.04 -3.35
CA GLN A 255 -6.19 8.72 -3.44
C GLN A 255 -7.29 8.02 -2.59
N GLU A 256 -7.43 6.71 -2.73
CA GLU A 256 -8.36 5.94 -1.86
C GLU A 256 -8.09 6.05 -0.38
N ILE A 257 -6.81 5.98 0.01
CA ILE A 257 -6.45 6.12 1.44
C ILE A 257 -6.97 7.45 1.91
N GLU A 258 -6.79 8.48 1.11
CA GLU A 258 -7.21 9.81 1.55
C GLU A 258 -8.72 9.90 1.69
N LYS A 259 -9.42 9.42 0.68
CA LYS A 259 -10.87 9.30 0.76
C LYS A 259 -11.33 8.53 1.96
N ARG A 260 -10.82 7.31 2.16
CA ARG A 260 -11.25 6.58 3.37
C ARG A 260 -10.78 7.19 4.65
N TYR A 261 -9.64 7.90 4.63
CA TYR A 261 -9.18 8.52 5.89
C TYR A 261 -10.11 9.67 6.29
N ASN A 262 -10.51 10.45 5.28
CA ASN A 262 -11.53 11.49 5.48
C ASN A 262 -12.82 10.95 5.97
N GLN A 263 -13.28 9.84 5.41
CA GLN A 263 -14.49 9.24 5.91
C GLN A 263 -14.22 8.76 7.29
N PHE A 264 -13.01 8.30 7.56
CA PHE A 264 -12.77 7.78 8.91
C PHE A 264 -13.00 8.90 9.93
N LEU A 265 -12.47 10.08 9.61
CA LEU A 265 -12.61 11.25 10.50
C LEU A 265 -14.04 11.80 10.61
N THR A 266 -14.87 11.54 9.60
CA THR A 266 -16.17 12.21 9.58
C THR A 266 -17.40 11.29 9.72
N LEU A 267 -17.28 9.99 9.44
CA LEU A 267 -18.45 9.08 9.45
C LEU A 267 -18.34 8.08 10.59
N PRO A 268 -19.49 7.71 11.20
CA PRO A 268 -19.44 6.56 12.14
C PRO A 268 -19.32 5.28 11.31
N PHE A 269 -18.97 4.15 11.95
CA PHE A 269 -18.77 2.93 11.12
C PHE A 269 -20.04 2.53 10.39
N SER A 270 -21.18 2.73 11.08
CA SER A 270 -22.49 2.34 10.51
C SER A 270 -22.78 2.81 9.08
N GLU A 271 -22.25 3.97 8.70
CA GLU A 271 -22.28 4.43 7.32
C GLU A 271 -21.65 3.48 6.30
N ILE A 272 -20.54 2.82 6.64
CA ILE A 272 -19.84 2.04 5.60
C ILE A 272 -20.01 0.54 5.84
N ARG A 273 -20.69 0.22 6.91
CA ARG A 273 -20.84 -1.14 7.35
C ARG A 273 -21.44 -2.00 6.27
N GLU A 274 -22.50 -1.53 5.64
CA GLU A 274 -23.13 -2.35 4.60
C GLU A 274 -22.10 -2.56 3.51
N GLU A 275 -21.44 -1.47 3.12
CA GLU A 275 -20.47 -1.50 2.08
C GLU A 275 -19.43 -2.54 2.45
N TYR A 276 -19.06 -2.57 3.73
CA TYR A 276 -17.94 -3.38 4.18
C TYR A 276 -18.34 -4.82 4.07
N ASN A 277 -19.48 -5.09 4.68
CA ASN A 277 -20.23 -6.31 4.51
C ASN A 277 -20.28 -6.93 3.08
N ALA A 278 -20.67 -6.10 2.11
CA ALA A 278 -20.77 -6.58 0.74
C ALA A 278 -19.41 -6.94 0.16
N ALA A 279 -18.35 -6.25 0.65
CA ALA A 279 -16.97 -6.46 0.16
C ALA A 279 -16.29 -7.62 0.85
N SER A 280 -16.88 -8.09 1.93
CA SER A 280 -16.21 -9.05 2.73
C SER A 280 -16.40 -10.49 2.24
N ASN A 281 -15.40 -11.34 2.40
CA ASN A 281 -15.45 -12.71 1.88
C ASN A 281 -15.46 -13.79 2.94
N ILE A 282 -15.91 -13.42 4.13
CA ILE A 282 -15.83 -14.33 5.30
C ILE A 282 -17.13 -15.06 5.64
N TRP A 283 -18.21 -14.65 4.98
CA TRP A 283 -19.55 -15.20 5.16
C TRP A 283 -19.78 -16.61 4.56
N ASN A 284 -20.78 -17.31 5.14
CA ASN A 284 -21.32 -18.59 4.66
C ASN A 284 -20.21 -19.60 4.49
N ARG A 285 -19.37 -19.76 5.50
CA ARG A 285 -18.24 -20.64 5.35
C ARG A 285 -17.59 -20.83 6.69
N THR A 286 -16.90 -21.93 6.83
CA THR A 286 -16.29 -22.28 8.08
C THR A 286 -14.94 -21.60 8.24
N LEU A 287 -14.85 -20.76 9.27
CA LEU A 287 -13.70 -19.97 9.53
C LEU A 287 -12.95 -20.64 10.64
N LEU A 288 -11.64 -20.82 10.49
CA LEU A 288 -10.81 -21.21 11.63
C LEU A 288 -10.28 -20.01 12.36
N PHE A 289 -10.40 -20.01 13.68
CA PHE A 289 -10.00 -18.89 14.53
C PHE A 289 -8.86 -19.31 15.43
N THR A 290 -7.88 -18.41 15.68
CA THR A 290 -6.82 -18.66 16.67
C THR A 290 -6.84 -17.64 17.79
N GLU A 291 -6.78 -18.11 19.03
CA GLU A 291 -6.65 -17.17 20.13
C GLU A 291 -5.65 -17.75 21.09
N ASN A 292 -4.43 -17.26 21.02
CA ASN A 292 -3.41 -17.75 21.91
C ASN A 292 -3.21 -19.25 21.74
N ASP A 293 -3.49 -20.01 22.78
CA ASP A 293 -3.41 -21.50 22.77
C ASP A 293 -4.54 -22.21 21.97
N LYS A 294 -5.76 -21.69 22.16
CA LYS A 294 -6.99 -22.18 21.58
C LYS A 294 -7.00 -22.10 20.07
N GLN A 295 -7.74 -23.01 19.45
CA GLN A 295 -8.32 -22.80 18.12
C GLN A 295 -9.70 -23.40 18.05
N PHE A 296 -10.58 -22.82 17.25
CA PHE A 296 -11.91 -23.31 17.17
C PHE A 296 -12.45 -22.90 15.86
N LYS A 297 -13.52 -23.55 15.39
CA LYS A 297 -14.14 -23.15 14.14
C LYS A 297 -15.40 -22.31 14.41
N GLY A 298 -15.94 -21.67 13.39
CA GLY A 298 -16.97 -20.72 13.66
C GLY A 298 -17.54 -20.12 12.41
N GLN A 299 -18.71 -19.51 12.54
CA GLN A 299 -19.26 -18.77 11.46
C GLN A 299 -19.32 -17.34 11.85
N ALA A 300 -19.19 -16.53 10.81
CA ALA A 300 -19.29 -15.12 10.98
C ALA A 300 -20.75 -14.86 10.82
N ILE A 301 -21.38 -14.36 11.86
CA ILE A 301 -22.80 -14.00 11.73
C ILE A 301 -22.97 -12.57 11.20
N ASP A 302 -22.21 -11.63 11.77
CA ASP A 302 -22.45 -10.23 11.48
C ASP A 302 -21.25 -9.35 11.93
N LEU A 303 -21.15 -8.16 11.34
CA LEU A 303 -20.31 -7.10 11.83
C LEU A 303 -21.26 -6.10 12.45
N ASP A 304 -21.23 -5.98 13.77
CA ASP A 304 -22.08 -5.00 14.39
C ASP A 304 -21.68 -3.57 14.00
N TYR A 305 -22.44 -2.62 14.48
CA TYR A 305 -22.35 -1.24 14.06
C TYR A 305 -21.01 -0.64 14.58
N ASP A 306 -20.38 -1.32 15.53
CA ASP A 306 -19.07 -0.90 16.06
C ASP A 306 -17.86 -1.65 15.49
N GLY A 307 -18.02 -2.32 14.34
CA GLY A 307 -16.95 -3.09 13.69
C GLY A 307 -16.55 -4.43 14.32
N TYR A 308 -17.21 -4.80 15.40
CA TYR A 308 -17.03 -6.12 16.04
C TYR A 308 -17.64 -7.26 15.21
N LEU A 309 -16.90 -8.33 15.01
CA LEU A 309 -17.41 -9.51 14.32
C LEU A 309 -18.26 -10.31 15.27
N ILE A 310 -19.48 -10.66 14.82
CA ILE A 310 -20.30 -11.57 15.57
C ILE A 310 -20.09 -12.97 15.07
N VAL A 311 -19.58 -13.83 15.93
CA VAL A 311 -19.22 -15.17 15.54
C VAL A 311 -20.02 -16.22 16.32
N ARG A 312 -20.53 -17.21 15.59
CA ARG A 312 -21.17 -18.37 16.23
C ARG A 312 -20.21 -19.54 16.16
N ASP A 313 -19.62 -19.95 17.27
CA ASP A 313 -18.61 -20.97 17.19
C ASP A 313 -19.20 -22.39 17.03
N GLU A 314 -18.35 -23.38 16.86
CA GLU A 314 -18.83 -24.73 16.50
C GLU A 314 -19.67 -25.37 17.64
N ALA A 315 -19.46 -24.90 18.85
CA ALA A 315 -20.26 -25.33 19.97
C ALA A 315 -21.55 -24.49 20.19
N GLY A 316 -21.91 -23.63 19.25
CA GLY A 316 -23.10 -22.87 19.37
C GLY A 316 -22.96 -21.62 20.22
N GLU A 317 -21.81 -21.40 20.86
CA GLU A 317 -21.61 -20.14 21.59
C GLU A 317 -21.33 -18.93 20.70
N SER A 318 -21.79 -17.76 21.12
CA SER A 318 -21.61 -16.53 20.39
C SER A 318 -20.43 -15.70 20.88
N HIS A 319 -19.74 -15.01 19.98
CA HIS A 319 -18.67 -14.10 20.39
C HIS A 319 -18.70 -12.81 19.62
N ARG A 320 -18.19 -11.79 20.30
CA ARG A 320 -18.16 -10.44 19.80
C ARG A 320 -16.68 -10.01 19.79
N LEU A 321 -16.07 -9.93 18.61
CA LEU A 321 -14.60 -9.81 18.49
C LEU A 321 -14.20 -8.51 17.83
N ILE A 322 -13.26 -7.80 18.43
CA ILE A 322 -12.78 -6.53 17.87
C ILE A 322 -11.79 -6.88 16.79
N SER A 323 -11.19 -8.06 16.94
CA SER A 323 -10.23 -8.61 16.00
C SER A 323 -10.18 -10.14 16.14
N ALA A 324 -9.49 -10.80 15.19
CA ALA A 324 -9.24 -12.24 15.20
C ALA A 324 -8.18 -12.63 14.16
N ASP A 325 -7.49 -13.79 14.29
CA ASP A 325 -6.94 -14.35 13.07
C ASP A 325 -7.63 -15.54 12.54
N ILE A 326 -8.24 -15.28 11.40
CA ILE A 326 -9.00 -16.22 10.67
C ILE A 326 -8.19 -16.90 9.53
N ASP A 327 -8.20 -18.24 9.52
CA ASP A 327 -7.80 -19.00 8.34
C ASP A 327 -9.04 -19.59 7.65
N PHE A 328 -9.05 -19.61 6.32
CA PHE A 328 -10.16 -20.19 5.59
C PHE A 328 -10.13 -21.71 5.63
CAA BC4 B . 1.88 -11.38 7.00
CAC BC4 B . 1.46 -10.36 6.47
CAD BC4 B . 1.03 -9.07 5.75
CAE BC4 B . 1.27 -7.76 6.58
CAF BC4 B . 1.61 -6.46 5.80
CAG BC4 B . 3.10 -6.17 5.63
CAM BC4 B . 3.31 -4.69 5.23
SAK BC4 B . 4.63 -4.59 3.99
CAH BC4 B . 5.04 -2.90 4.36
CAN BC4 B . 4.93 -2.87 5.88
CAO BC4 B . 3.96 -3.95 6.39
NAJ BC4 B . 4.81 -4.87 7.16
CAL BC4 B . 6.07 -4.42 7.13
OAB BC4 B . 7.03 -4.98 7.68
NAI BC4 B . 6.20 -3.32 6.40
#